data_9BBJ
#
_entry.id   9BBJ
#
_cell.length_a   57.970
_cell.length_b   57.970
_cell.length_c   131.970
_cell.angle_alpha   90.000
_cell.angle_beta   90.000
_cell.angle_gamma   90.000
#
_symmetry.space_group_name_H-M   'P 43 21 2'
#
loop_
_entity.id
_entity.type
_entity.pdbx_description
1 polymer 'ATP-dependent Clp protease ATP-binding subunit ClpC1'
2 polymer 'Click chemistry analog of Rufomycin'
#
loop_
_entity_poly.entity_id
_entity_poly.type
_entity_poly.pdbx_seq_one_letter_code
_entity_poly.pdbx_strand_id
1 'polypeptide(L)'
;MFERFTDRARRVVVLAQEEARMLNHNYIGTEHILLGLIHEGEGVAAKSLESLGISLEGVRSQVEEIIGQGQQAPSGHIPF
TPRAKKVLELSLREALQLGHNYIGTEHILLGLIREGEGVAAQVLVKLGAELTRVRQQVIQLLSGYKLAAALEHHHHHH
;
A
2 'polypeptide(L)' (A1AL8)(MLE)A(NLE)(A1AMC)L(A1AMB) B
#
# COMPACT_ATOMS: atom_id res chain seq x y z
N MET A 1 7.65 -12.32 -9.21
CA MET A 1 6.26 -12.69 -8.99
C MET A 1 5.32 -11.54 -9.37
N PHE A 2 5.89 -10.38 -9.68
CA PHE A 2 5.12 -9.18 -10.03
C PHE A 2 4.23 -9.38 -11.26
N GLU A 3 4.50 -10.39 -12.09
CA GLU A 3 3.66 -10.63 -13.25
C GLU A 3 2.23 -10.96 -12.85
N ARG A 4 2.03 -11.57 -11.68
CA ARG A 4 0.66 -11.83 -11.23
C ARG A 4 -0.13 -10.54 -11.00
N PHE A 5 0.54 -9.43 -10.67
CA PHE A 5 -0.16 -8.21 -10.28
C PHE A 5 -1.06 -7.69 -11.39
N THR A 6 -2.27 -7.25 -11.03
CA THR A 6 -3.11 -6.58 -12.02
C THR A 6 -2.46 -5.28 -12.45
N ASP A 7 -2.91 -4.78 -13.61
CA ASP A 7 -2.54 -3.47 -14.14
C ASP A 7 -2.56 -2.42 -13.03
N ARG A 8 -3.64 -2.39 -12.25
CA ARG A 8 -3.75 -1.36 -11.22
C ARG A 8 -2.92 -1.69 -9.98
N ALA A 9 -2.69 -2.97 -9.67
CA ALA A 9 -1.79 -3.33 -8.58
C ALA A 9 -0.39 -2.84 -8.85
N ARG A 10 0.10 -3.13 -10.05
CA ARG A 10 1.39 -2.61 -10.48
C ARG A 10 1.38 -1.09 -10.47
N ARG A 11 0.28 -0.48 -10.90
CA ARG A 11 0.20 0.98 -10.88
C ARG A 11 0.39 1.49 -9.47
N VAL A 12 -0.24 0.82 -8.51
CA VAL A 12 0.03 1.14 -7.11
C VAL A 12 1.53 1.08 -6.85
N VAL A 13 2.18 0.02 -7.28
CA VAL A 13 3.61 -0.10 -6.96
C VAL A 13 4.40 1.08 -7.55
N VAL A 14 4.18 1.39 -8.84
CA VAL A 14 4.90 2.52 -9.46
C VAL A 14 4.61 3.81 -8.70
N LEU A 15 3.34 3.99 -8.32
CA LEU A 15 2.95 5.19 -7.61
C LEU A 15 3.64 5.29 -6.26
N ALA A 16 3.67 4.18 -5.51
CA ALA A 16 4.40 4.17 -4.24
C ALA A 16 5.82 4.65 -4.43
N GLN A 17 6.45 4.26 -5.55
CA GLN A 17 7.82 4.72 -5.76
C GLN A 17 7.87 6.22 -6.01
N GLU A 18 6.92 6.76 -6.76
CA GLU A 18 6.87 8.21 -6.97
C GLU A 18 6.57 8.95 -5.66
N GLU A 19 5.64 8.46 -4.87
CA GLU A 19 5.44 9.07 -3.56
C GLU A 19 6.72 9.10 -2.74
N ALA A 20 7.45 7.97 -2.66
CA ALA A 20 8.66 8.00 -1.85
C ALA A 20 9.70 8.92 -2.46
N ARG A 21 9.65 9.11 -3.78
CA ARG A 21 10.58 10.03 -4.43
C ARG A 21 10.32 11.46 -4.00
N MET A 22 9.09 11.92 -4.24
CA MET A 22 8.84 13.35 -4.14
C MET A 22 8.64 13.80 -2.71
N LEU A 23 8.58 12.86 -1.78
CA LEU A 23 8.72 13.11 -0.38
C LEU A 23 10.11 12.76 0.12
N ASN A 24 11.02 12.35 -0.81
CA ASN A 24 12.47 12.42 -0.58
C ASN A 24 13.01 11.35 0.38
N HIS A 25 12.30 10.21 0.42
CA HIS A 25 12.68 9.01 1.16
C HIS A 25 13.62 8.10 0.36
N ASN A 26 14.57 7.47 1.06
CA ASN A 26 15.48 6.52 0.45
C ASN A 26 14.97 5.09 0.50
N TYR A 27 13.70 4.89 0.90
CA TYR A 27 13.12 3.57 0.95
C TYR A 27 11.65 3.71 0.68
N ILE A 28 11.04 2.64 0.16
CA ILE A 28 9.60 2.52 -0.02
C ILE A 28 9.08 1.71 1.16
N GLY A 29 8.19 2.27 1.97
CA GLY A 29 7.74 1.63 3.17
C GLY A 29 6.26 1.30 3.11
N THR A 30 5.78 0.66 4.16
CA THR A 30 4.37 0.32 4.20
C THR A 30 3.49 1.56 3.94
N GLU A 31 3.89 2.72 4.48
CA GLU A 31 3.18 3.97 4.22
C GLU A 31 3.05 4.23 2.71
N HIS A 32 4.19 4.30 2.01
CA HIS A 32 4.19 4.60 0.58
C HIS A 32 3.33 3.65 -0.22
N ILE A 33 3.21 2.39 0.20
CA ILE A 33 2.26 1.51 -0.48
C ILE A 33 0.84 1.99 -0.23
N LEU A 34 0.51 2.35 1.02
CA LEU A 34 -0.81 2.94 1.29
C LEU A 34 -1.06 4.15 0.40
N LEU A 35 -0.08 5.04 0.37
CA LEU A 35 -0.10 6.20 -0.52
C LEU A 35 -0.42 5.82 -1.96
N GLY A 36 0.24 4.77 -2.47
CA GLY A 36 -0.01 4.38 -3.86
C GLY A 36 -1.37 3.75 -4.05
N LEU A 37 -1.83 2.98 -3.06
CA LEU A 37 -3.19 2.45 -3.05
C LEU A 37 -4.21 3.55 -3.22
N ILE A 38 -4.11 4.60 -2.39
CA ILE A 38 -4.91 5.80 -2.55
C ILE A 38 -4.75 6.32 -3.97
N HIS A 39 -3.58 6.91 -4.24
CA HIS A 39 -3.30 7.59 -5.50
C HIS A 39 -3.73 6.80 -6.73
N GLU A 40 -3.98 5.48 -6.60
CA GLU A 40 -4.40 4.69 -7.75
C GLU A 40 -5.74 5.15 -8.31
N GLY A 41 -6.78 5.16 -7.46
CA GLY A 41 -8.08 5.69 -7.85
C GLY A 41 -9.10 4.70 -8.39
N GLU A 42 -9.08 4.47 -9.71
CA GLU A 42 -10.14 3.73 -10.39
C GLU A 42 -10.37 2.33 -9.82
N GLY A 43 -9.41 1.77 -9.09
CA GLY A 43 -9.51 0.42 -8.58
C GLY A 43 -10.08 0.32 -7.17
N VAL A 44 -10.09 -0.91 -6.65
CA VAL A 44 -10.82 -1.31 -5.44
C VAL A 44 -10.37 -0.58 -4.17
N ALA A 45 -9.12 -0.81 -3.76
CA ALA A 45 -8.66 -0.32 -2.47
C ALA A 45 -8.76 1.19 -2.34
N ALA A 46 -8.72 1.93 -3.46
CA ALA A 46 -8.81 3.39 -3.37
C ALA A 46 -10.21 3.84 -2.97
N LYS A 47 -11.24 3.34 -3.66
CA LYS A 47 -12.61 3.61 -3.22
C LYS A 47 -12.83 3.06 -1.81
N SER A 48 -12.22 1.91 -1.50
CA SER A 48 -12.32 1.33 -0.16
C SER A 48 -11.78 2.29 0.89
N LEU A 49 -10.74 3.05 0.53
CA LEU A 49 -10.13 3.99 1.48
C LEU A 49 -10.96 5.27 1.61
N GLU A 50 -11.56 5.74 0.51
CA GLU A 50 -12.45 6.89 0.67
C GLU A 50 -13.72 6.53 1.44
N SER A 51 -14.06 5.23 1.53
CA SER A 51 -15.26 4.82 2.28
C SER A 51 -15.01 4.81 3.79
N LEU A 52 -13.98 4.12 4.25
CA LEU A 52 -13.63 4.06 5.66
C LEU A 52 -12.87 5.30 6.09
N GLY A 53 -13.24 6.44 5.50
CA GLY A 53 -12.86 7.74 6.01
C GLY A 53 -11.36 7.93 6.11
N ILE A 54 -10.66 7.64 5.03
CA ILE A 54 -9.21 7.81 4.94
C ILE A 54 -8.92 8.48 3.59
N SER A 55 -8.18 9.60 3.62
CA SER A 55 -7.89 10.33 2.39
C SER A 55 -6.39 10.36 2.12
N LEU A 56 -6.04 10.95 0.97
CA LEU A 56 -4.64 11.10 0.59
C LEU A 56 -3.89 12.07 1.49
N GLU A 57 -4.33 13.32 1.54
CA GLU A 57 -3.53 14.38 2.15
C GLU A 57 -3.30 14.10 3.63
N GLY A 58 -4.24 13.44 4.29
CA GLY A 58 -4.02 13.06 5.68
C GLY A 58 -2.82 12.14 5.84
N VAL A 59 -2.71 11.13 4.97
CA VAL A 59 -1.58 10.21 5.03
C VAL A 59 -0.28 10.91 4.66
N ARG A 60 -0.31 11.70 3.60
CA ARG A 60 0.84 12.54 3.23
C ARG A 60 1.37 13.30 4.44
N SER A 61 0.49 14.04 5.11
CA SER A 61 0.91 14.87 6.22
C SER A 61 1.34 14.04 7.42
N GLN A 62 0.59 12.97 7.73
CA GLN A 62 0.98 12.11 8.84
C GLN A 62 2.40 11.58 8.63
N VAL A 63 2.72 11.18 7.39
CA VAL A 63 4.08 10.76 7.09
C VAL A 63 5.04 11.93 7.26
N GLU A 64 4.64 13.13 6.84
CA GLU A 64 5.52 14.30 7.01
C GLU A 64 5.67 14.70 8.49
N GLU A 65 4.88 14.12 9.40
CA GLU A 65 5.13 14.27 10.85
C GLU A 65 6.11 13.18 11.33
N ILE A 66 5.67 11.91 11.26
CA ILE A 66 6.50 10.79 11.70
C ILE A 66 7.70 10.53 10.78
N ILE A 67 7.68 11.01 9.54
CA ILE A 67 8.86 10.82 8.69
C ILE A 67 9.45 12.18 8.26
N GLY A 68 8.64 13.02 7.62
CA GLY A 68 9.13 14.30 7.10
C GLY A 68 10.01 14.17 5.87
N GLN A 69 9.94 15.14 4.96
CA GLN A 69 10.68 15.06 3.69
C GLN A 69 12.19 15.00 3.93
N GLY A 70 12.89 14.37 2.98
CA GLY A 70 14.33 14.20 3.04
C GLY A 70 15.06 15.37 2.41
N GLN A 71 16.28 15.63 2.92
CA GLN A 71 17.06 16.76 2.47
C GLN A 71 17.41 16.69 0.98
N GLN A 72 17.42 15.50 0.39
CA GLN A 72 18.04 15.31 -0.91
C GLN A 72 17.22 14.25 -1.65
N ALA A 73 16.71 14.62 -2.84
CA ALA A 73 15.87 13.71 -3.61
C ALA A 73 16.69 12.53 -4.11
N PRO A 74 16.18 11.30 -3.96
CA PRO A 74 16.87 10.15 -4.56
C PRO A 74 16.43 9.92 -6.00
N SER A 75 17.35 9.33 -6.77
CA SER A 75 17.09 9.01 -8.16
C SER A 75 17.40 7.54 -8.41
N GLY A 76 16.91 7.03 -9.53
CA GLY A 76 16.90 5.59 -9.74
C GLY A 76 15.84 4.97 -8.87
N HIS A 77 15.75 3.65 -8.93
CA HIS A 77 14.76 2.95 -8.13
C HIS A 77 15.04 3.11 -6.64
N ILE A 78 14.00 2.87 -5.85
CA ILE A 78 14.03 3.09 -4.43
C ILE A 78 13.66 1.77 -3.77
N PRO A 79 14.55 1.17 -2.98
CA PRO A 79 14.31 -0.18 -2.44
C PRO A 79 13.18 -0.19 -1.42
N PHE A 80 12.50 -1.33 -1.36
CA PHE A 80 11.53 -1.63 -0.30
C PHE A 80 12.21 -1.80 1.06
N THR A 81 11.48 -1.38 2.11
CA THR A 81 11.77 -1.79 3.48
C THR A 81 11.39 -3.26 3.66
N PRO A 82 12.04 -3.97 4.59
CA PRO A 82 11.55 -5.33 4.90
C PRO A 82 10.08 -5.35 5.27
N ARG A 83 9.55 -4.26 5.86
CA ARG A 83 8.11 -4.20 6.08
C ARG A 83 7.36 -4.25 4.74
N ALA A 84 7.76 -3.40 3.79
CA ALA A 84 7.08 -3.42 2.51
C ALA A 84 7.26 -4.75 1.81
N LYS A 85 8.48 -5.30 1.87
CA LYS A 85 8.70 -6.65 1.34
C LYS A 85 7.70 -7.65 1.88
N LYS A 86 7.53 -7.70 3.21
CA LYS A 86 6.55 -8.63 3.78
C LYS A 86 5.14 -8.31 3.32
N VAL A 87 4.79 -7.03 3.26
CA VAL A 87 3.45 -6.68 2.76
C VAL A 87 3.22 -7.28 1.38
N LEU A 88 4.20 -7.20 0.50
CA LEU A 88 3.98 -7.71 -0.85
C LEU A 88 3.90 -9.24 -0.85
N GLU A 89 4.82 -9.91 -0.13
CA GLU A 89 4.70 -11.35 0.13
C GLU A 89 3.28 -11.73 0.53
N LEU A 90 2.80 -11.07 1.59
CA LEU A 90 1.50 -11.42 2.15
C LEU A 90 0.37 -11.02 1.21
N SER A 91 0.57 -10.03 0.35
CA SER A 91 -0.46 -9.70 -0.63
C SER A 91 -0.66 -10.87 -1.58
N LEU A 92 0.45 -11.40 -2.09
CA LEU A 92 0.43 -12.69 -2.77
C LEU A 92 -0.39 -13.70 -1.95
N ARG A 93 -0.05 -13.80 -0.67
CA ARG A 93 -0.51 -14.92 0.16
C ARG A 93 -2.02 -14.83 0.44
N GLU A 94 -2.49 -13.63 0.74
CA GLU A 94 -3.92 -13.31 0.75
C GLU A 94 -4.59 -13.71 -0.56
N ALA A 95 -4.10 -13.14 -1.67
CA ALA A 95 -4.66 -13.44 -2.99
C ALA A 95 -4.91 -14.92 -3.16
N LEU A 96 -3.87 -15.74 -2.96
CA LEU A 96 -4.02 -17.20 -3.04
C LEU A 96 -5.08 -17.73 -2.07
N GLN A 97 -5.12 -17.23 -0.84
CA GLN A 97 -6.08 -17.81 0.08
C GLN A 97 -7.52 -17.46 -0.26
N LEU A 98 -7.79 -16.31 -0.89
CA LEU A 98 -9.12 -16.00 -1.40
C LEU A 98 -9.37 -16.62 -2.77
N GLY A 99 -8.47 -17.49 -3.23
CA GLY A 99 -8.71 -18.32 -4.36
C GLY A 99 -8.17 -17.78 -5.66
N HIS A 100 -8.11 -16.45 -5.78
CA HIS A 100 -7.67 -15.81 -7.02
C HIS A 100 -6.23 -16.22 -7.33
N ASN A 101 -5.82 -16.00 -8.59
CA ASN A 101 -4.43 -16.20 -8.98
C ASN A 101 -3.75 -14.91 -9.41
N TYR A 102 -4.52 -13.93 -9.86
CA TYR A 102 -4.05 -12.56 -9.95
C TYR A 102 -3.86 -11.98 -8.54
N ILE A 103 -3.27 -10.77 -8.49
CA ILE A 103 -3.13 -9.97 -7.29
C ILE A 103 -3.55 -8.55 -7.64
N GLY A 104 -4.71 -8.10 -7.11
CA GLY A 104 -5.22 -6.77 -7.35
C GLY A 104 -4.92 -5.84 -6.18
N THR A 105 -5.41 -4.59 -6.28
CA THR A 105 -5.07 -3.58 -5.27
C THR A 105 -5.60 -3.99 -3.90
N GLU A 106 -6.78 -4.60 -3.90
CA GLU A 106 -7.41 -5.06 -2.67
C GLU A 106 -6.53 -6.08 -1.95
N HIS A 107 -5.77 -6.89 -2.71
CA HIS A 107 -4.94 -7.93 -2.08
C HIS A 107 -3.69 -7.34 -1.44
N ILE A 108 -3.16 -6.25 -2.03
CA ILE A 108 -2.09 -5.50 -1.38
C ILE A 108 -2.59 -4.86 -0.09
N LEU A 109 -3.83 -4.35 -0.10
CA LEU A 109 -4.33 -3.74 1.13
C LEU A 109 -4.47 -4.80 2.22
N LEU A 110 -4.93 -6.00 1.84
CA LEU A 110 -5.07 -7.08 2.83
C LEU A 110 -3.71 -7.51 3.38
N GLY A 111 -2.72 -7.70 2.50
CA GLY A 111 -1.39 -8.02 2.97
C GLY A 111 -0.84 -6.95 3.90
N LEU A 112 -1.14 -5.68 3.58
CA LEU A 112 -0.70 -4.56 4.40
C LEU A 112 -1.23 -4.69 5.81
N ILE A 113 -2.53 -4.97 5.92
CA ILE A 113 -3.16 -5.15 7.22
C ILE A 113 -2.57 -6.35 7.96
N ARG A 114 -2.40 -7.48 7.25
CA ARG A 114 -1.77 -8.67 7.82
C ARG A 114 -0.45 -8.35 8.49
N GLU A 115 0.37 -7.50 7.88
CA GLU A 115 1.63 -7.14 8.53
C GLU A 115 1.37 -6.34 9.81
N GLY A 116 0.55 -5.29 9.70
CA GLY A 116 0.05 -4.51 10.82
C GLY A 116 1.03 -4.02 11.87
N GLU A 117 2.32 -4.26 11.67
CA GLU A 117 3.31 -3.89 12.69
C GLU A 117 4.05 -2.60 12.37
N GLY A 118 3.96 -2.09 11.13
CA GLY A 118 4.78 -1.00 10.67
C GLY A 118 4.01 0.29 10.47
N VAL A 119 4.68 1.23 9.79
CA VAL A 119 4.18 2.60 9.70
C VAL A 119 2.79 2.64 9.07
N ALA A 120 2.53 1.83 8.05
CA ALA A 120 1.22 1.87 7.41
C ALA A 120 0.12 1.72 8.45
N ALA A 121 0.29 0.75 9.36
CA ALA A 121 -0.72 0.44 10.36
C ALA A 121 -0.79 1.51 11.44
N GLN A 122 0.38 2.04 11.88
CA GLN A 122 0.40 3.18 12.78
C GLN A 122 -0.39 4.35 12.21
N VAL A 123 -0.12 4.70 10.95
CA VAL A 123 -0.80 5.81 10.30
C VAL A 123 -2.30 5.54 10.24
N LEU A 124 -2.69 4.37 9.72
CA LEU A 124 -4.10 3.98 9.65
C LEU A 124 -4.84 4.19 10.97
N VAL A 125 -4.34 3.53 12.04
CA VAL A 125 -5.03 3.64 13.33
C VAL A 125 -5.07 5.10 13.77
N LYS A 126 -4.02 5.87 13.48
CA LYS A 126 -4.05 7.30 13.81
C LYS A 126 -5.11 8.07 13.03
N LEU A 127 -5.50 7.59 11.84
CA LEU A 127 -6.46 8.37 11.07
C LEU A 127 -7.91 8.04 11.37
N GLY A 128 -8.20 6.87 11.91
CA GLY A 128 -9.59 6.50 12.09
C GLY A 128 -9.97 5.27 11.28
N ALA A 129 -9.31 4.16 11.57
CA ALA A 129 -9.63 2.89 10.93
C ALA A 129 -9.00 1.78 11.76
N GLU A 130 -9.31 0.55 11.40
CA GLU A 130 -8.75 -0.58 12.13
C GLU A 130 -8.38 -1.64 11.11
N LEU A 131 -7.55 -2.58 11.57
CA LEU A 131 -6.94 -3.57 10.69
C LEU A 131 -7.98 -4.57 10.22
N THR A 132 -8.56 -5.34 11.16
CA THR A 132 -9.56 -6.32 10.74
C THR A 132 -10.85 -5.63 10.29
N ARG A 133 -11.07 -4.39 10.74
CA ARG A 133 -12.02 -3.44 10.16
C ARG A 133 -11.97 -3.41 8.65
N VAL A 134 -10.89 -2.82 8.12
CA VAL A 134 -10.72 -2.69 6.69
C VAL A 134 -10.56 -4.06 6.02
N ARG A 135 -10.00 -5.05 6.73
CA ARG A 135 -9.92 -6.39 6.16
C ARG A 135 -11.30 -6.94 5.85
N GLN A 136 -12.10 -7.19 6.88
CA GLN A 136 -13.46 -7.68 6.68
C GLN A 136 -14.27 -6.75 5.79
N GLN A 137 -13.91 -5.47 5.76
CA GLN A 137 -14.65 -4.50 4.95
C GLN A 137 -14.37 -4.71 3.47
N VAL A 138 -13.08 -4.80 3.11
CA VAL A 138 -12.66 -5.10 1.73
C VAL A 138 -13.07 -6.52 1.32
N ILE A 139 -13.19 -7.44 2.27
CA ILE A 139 -13.72 -8.79 1.98
C ILE A 139 -15.20 -8.69 1.62
N GLN A 140 -15.95 -7.92 2.40
CA GLN A 140 -17.31 -7.58 2.01
C GLN A 140 -17.35 -6.89 0.65
N LEU A 141 -16.30 -6.14 0.30
CA LEU A 141 -16.28 -5.47 -1.00
C LEU A 141 -16.14 -6.48 -2.14
N LEU A 142 -15.13 -7.34 -2.05
CA LEU A 142 -15.04 -8.48 -2.98
C LEU A 142 -16.33 -9.30 -3.00
N SER A 143 -17.14 -9.22 -1.94
CA SER A 143 -18.50 -9.75 -1.96
C SER A 143 -19.53 -8.78 -2.56
N GLY A 144 -19.17 -7.52 -2.79
CA GLY A 144 -20.12 -6.51 -3.24
C GLY A 144 -19.77 -5.77 -4.51
N TYR A 145 -19.26 -6.52 -5.49
CA TYR A 145 -19.05 -6.18 -6.93
C TYR A 145 -18.36 -7.36 -7.61
CB A1AL8 B 1 9.55 -10.09 -7.76
CA A1AL8 B 1 10.41 -8.94 -7.29
C A1AL8 B 1 11.74 -9.48 -6.68
O A1AL8 B 1 12.48 -10.09 -7.36
N A1AL8 B 1 10.72 -8.16 -8.45
C5 A1AL8 B 1 7.24 -14.74 -4.18
C4 A1AL8 B 1 8.57 -14.68 -4.28
C2 A1AL8 B 1 9.00 -13.06 -2.33
CG A1AL8 B 1 9.04 -10.85 -6.53
CD1 A1AL8 B 1 9.72 -11.89 -5.81
CD2 A1AL8 B 1 7.78 -10.62 -5.86
NE1 A1AL8 B 1 8.93 -12.27 -4.79
CE2 A1AL8 B 1 7.74 -11.53 -4.79
CE3 A1AL8 B 1 6.71 -9.71 -6.12
CZ2 A1AL8 B 1 6.59 -11.55 -3.96
CZ3 A1AL8 B 1 5.60 -9.74 -5.30
CH2 A1AL8 B 1 5.53 -10.65 -4.21
C1 A1AL8 B 1 9.32 -13.39 -3.83
C3 A1AL8 B 1 10.81 -13.65 -3.96
N MLE B 2 12.13 -9.19 -5.24
CN MLE B 2 13.43 -9.74 -4.78
CA MLE B 2 11.27 -8.40 -4.32
CB MLE B 2 10.71 -9.25 -3.20
CG MLE B 2 9.27 -8.85 -2.75
CD1 MLE B 2 9.21 -8.98 -1.21
CD2 MLE B 2 8.90 -7.44 -3.14
C MLE B 2 12.20 -7.39 -3.69
O MLE B 2 12.30 -7.33 -2.51
N ALA B 3 13.05 -6.50 -4.54
CA ALA B 3 13.93 -5.61 -3.84
C ALA B 3 13.56 -4.13 -4.13
N NLE B 4 12.88 -3.76 -5.42
CA NLE B 4 12.55 -2.37 -5.72
C NLE B 4 11.87 -2.25 -7.09
O NLE B 4 11.95 -3.11 -7.91
CB NLE B 4 13.88 -1.67 -5.87
CG NLE B 4 14.68 -2.11 -7.13
CD NLE B 4 16.09 -1.41 -7.22
C1 A1AMC B 5 10.96 0.06 -6.41
N A1AMC B 5 11.08 -1.02 -7.41
CA A1AMC B 5 10.39 -0.84 -8.80
C A1AMC B 5 9.31 -1.93 -8.99
O A1AMC B 5 9.33 -2.74 -7.84
CB A1AMC B 5 11.41 -0.76 -9.78
CG A1AMC B 5 10.86 -0.99 -11.09
CD A1AMC B 5 10.21 -2.40 -11.26
N LEU B 6 9.53 -2.83 -10.11
CA LEU B 6 8.73 -3.82 -10.17
C LEU B 6 9.66 -5.11 -10.28
C A1AMB B 7 11.64 -7.04 -8.29
CA A1AMB B 7 11.92 -6.21 -9.51
N A1AMB B 7 10.94 -5.09 -9.50
CB A1AMB B 7 13.30 -5.56 -9.43
CE2 A1AMB B 7 13.60 -4.31 -12.86
CD2 A1AMB B 7 13.01 -5.21 -11.89
ND1 A1AMB B 7 14.46 -3.92 -10.88
NE1 A1AMB B 7 14.47 -3.55 -12.16
NG A1AMB B 7 13.60 -4.90 -10.70
O A1AMB B 7 12.13 -6.80 -7.23
#